data_6W0Z
#
_entry.id   6W0Z
#
_cell.length_a   82.415
_cell.length_b   82.883
_cell.length_c   137.186
_cell.angle_alpha   90.000
_cell.angle_beta   90.000
_cell.angle_gamma   90.000
#
_symmetry.space_group_name_H-M   'P 21 21 21'
#
loop_
_entity.id
_entity.type
_entity.pdbx_description
1 polymer Ketohexokinase
2 non-polymer '2-[(1~{S},5~{R})-3-[2-[(2~{S})-2-methylazetidin-1-yl]-6-(trifluoromethyl)pyrimidin-4-yl]-3-azabicyclo[3.1.0]hexan-6-yl]ethanoic acid'
3 non-polymer 'SULFATE ION'
4 water water
#
_entity_poly.entity_id   1
_entity_poly.type   'polypeptide(L)'
_entity_poly.pdbx_seq_one_letter_code
;MGSSHHHHHHSSGLVPRGSQILCVGLVVLDVISLVDKYPKEDSEIRCLSQRWQRGGNASNSCTVLSLLGAPCAFMGSMAP
GHVADFLVADFRRRGVDVSQVAWQSKGDTPSSCCIINNSNGNRTIVLHDTSLPDVSATDFEKVDLTQFKWIHIEGRNASE
QVKMLQRIDAHNTRQPPEQKIRVSVEVEKPREELFQLFGYGDVVFVSKDVAKHLGFQSAEEALRGLYGRVRKGAVLVCAW
AEEGADALGPDGKLLHSDAFPPPRVVDTLGAGDTFNASVIFSLSQGRSVQEALRFGCQVAGKKCGLQGFDGIV
;
_entity_poly.pdbx_strand_id   A,B
#
# COMPACT_ATOMS: atom_id res chain seq x y z
N GLY A 18 -18.01 29.08 -18.12
CA GLY A 18 -17.79 29.62 -16.79
C GLY A 18 -18.55 28.90 -15.69
N SER A 19 -18.59 27.55 -15.75
CA SER A 19 -19.34 26.74 -14.79
C SER A 19 -18.47 25.88 -13.87
N GLN A 20 -17.25 25.51 -14.32
CA GLN A 20 -16.35 24.62 -13.59
C GLN A 20 -15.28 25.29 -12.74
N ILE A 21 -14.87 24.59 -11.68
CA ILE A 21 -13.73 24.98 -10.85
C ILE A 21 -12.62 23.99 -11.25
N LEU A 22 -11.49 24.51 -11.73
CA LEU A 22 -10.34 23.69 -12.09
C LEU A 22 -9.31 23.61 -10.95
N CYS A 23 -8.82 22.39 -10.61
CA CYS A 23 -7.74 22.20 -9.65
C CYS A 23 -6.55 21.56 -10.36
N VAL A 24 -5.41 22.27 -10.35
CA VAL A 24 -4.16 21.84 -10.97
C VAL A 24 -3.20 21.39 -9.87
N GLY A 25 -2.74 20.15 -9.96
CA GLY A 25 -1.80 19.63 -8.99
C GLY A 25 -1.60 18.13 -9.02
N LEU A 26 -1.30 17.54 -7.85
CA LEU A 26 -1.02 16.12 -7.69
C LEU A 26 -2.25 15.23 -7.45
N VAL A 27 -2.17 14.00 -8.01
CA VAL A 27 -3.06 12.87 -7.77
C VAL A 27 -2.14 11.74 -7.26
N VAL A 28 -2.52 11.13 -6.14
CA VAL A 28 -1.72 10.09 -5.51
C VAL A 28 -2.66 8.96 -5.07
N LEU A 29 -2.23 7.70 -5.24
CA LEU A 29 -2.99 6.59 -4.66
C LEU A 29 -2.44 6.40 -3.22
N ASP A 30 -3.28 6.65 -2.23
CA ASP A 30 -2.89 6.47 -0.84
C ASP A 30 -3.30 5.11 -0.33
N VAL A 31 -2.30 4.31 0.07
CA VAL A 31 -2.57 3.01 0.69
C VAL A 31 -2.57 3.24 2.21
N ILE A 32 -3.77 3.23 2.78
CA ILE A 32 -4.04 3.61 4.14
C ILE A 32 -4.12 2.43 5.07
N SER A 33 -3.36 2.55 6.18
CA SER A 33 -3.40 1.63 7.30
C SER A 33 -3.85 2.41 8.54
N LEU A 34 -4.89 1.89 9.21
CA LEU A 34 -5.43 2.48 10.43
C LEU A 34 -4.87 1.67 11.58
N VAL A 35 -4.12 2.33 12.49
CA VAL A 35 -3.46 1.66 13.62
C VAL A 35 -3.96 2.20 14.98
N ASP A 36 -3.84 1.40 16.08
CA ASP A 36 -4.25 1.85 17.42
C ASP A 36 -3.28 2.91 17.96
N LYS A 37 -1.97 2.71 17.72
CA LYS A 37 -0.89 3.63 18.06
C LYS A 37 0.18 3.62 16.98
N TYR A 38 0.86 4.77 16.75
CA TYR A 38 1.93 4.91 15.77
C TYR A 38 3.07 3.94 16.11
N PRO A 39 3.55 3.15 15.12
CA PRO A 39 4.62 2.18 15.43
C PRO A 39 5.97 2.80 15.77
N LYS A 40 6.70 2.15 16.67
CA LYS A 40 8.05 2.57 17.04
C LYS A 40 8.97 1.93 16.00
N GLU A 41 10.08 2.61 15.62
CA GLU A 41 11.01 2.06 14.64
C GLU A 41 11.51 0.68 15.03
N ASP A 42 11.65 -0.23 14.04
CA ASP A 42 12.13 -1.61 14.16
C ASP A 42 11.05 -2.60 14.67
N SER A 43 9.85 -2.11 14.97
CA SER A 43 8.74 -2.95 15.44
C SER A 43 7.81 -3.43 14.33
N GLU A 44 7.05 -4.48 14.63
CA GLU A 44 6.03 -5.09 13.79
C GLU A 44 4.71 -4.95 14.59
N ILE A 45 3.71 -4.32 13.99
CA ILE A 45 2.39 -4.09 14.59
C ILE A 45 1.28 -4.49 13.60
N ARG A 46 0.15 -4.97 14.11
CA ARG A 46 -0.96 -5.31 13.24
C ARG A 46 -1.88 -4.09 13.12
N CYS A 47 -2.38 -3.81 11.92
CA CYS A 47 -3.31 -2.69 11.76
C CYS A 47 -4.76 -3.10 12.04
N LEU A 48 -5.62 -2.13 12.31
CA LEU A 48 -7.05 -2.32 12.58
C LEU A 48 -7.80 -2.53 11.25
N SER A 49 -7.47 -1.69 10.23
CA SER A 49 -8.05 -1.75 8.89
C SER A 49 -7.18 -1.09 7.84
N GLN A 50 -7.51 -1.44 6.59
CA GLN A 50 -6.84 -0.99 5.35
CA GLN A 50 -6.84 -0.96 5.36
C GLN A 50 -7.87 -0.43 4.38
N ARG A 51 -7.40 0.42 3.44
CA ARG A 51 -8.19 1.01 2.37
C ARG A 51 -7.26 1.74 1.45
N TRP A 52 -7.74 1.96 0.24
CA TRP A 52 -7.07 2.71 -0.79
C TRP A 52 -7.93 3.94 -0.94
N GLN A 53 -7.28 5.09 -1.08
CA GLN A 53 -7.94 6.35 -1.31
C GLN A 53 -7.21 7.11 -2.37
N ARG A 54 -7.96 7.81 -3.26
CA ARG A 54 -7.36 8.74 -4.18
C ARG A 54 -7.02 9.98 -3.30
N GLY A 55 -5.78 10.44 -3.43
CA GLY A 55 -5.21 11.55 -2.66
C GLY A 55 -4.54 12.55 -3.56
N GLY A 56 -3.65 13.38 -2.98
CA GLY A 56 -2.99 14.51 -3.63
C GLY A 56 -3.79 15.73 -3.27
N ASN A 57 -3.15 16.90 -3.08
CA ASN A 57 -3.87 18.12 -2.63
C ASN A 57 -4.98 18.58 -3.59
N ALA A 58 -4.64 18.83 -4.86
CA ALA A 58 -5.60 19.27 -5.88
C ALA A 58 -6.67 18.22 -6.10
N SER A 59 -6.28 16.93 -6.04
CA SER A 59 -7.19 15.80 -6.24
C SER A 59 -8.20 15.67 -5.11
N ASN A 60 -7.78 15.88 -3.85
CA ASN A 60 -8.67 15.85 -2.68
C ASN A 60 -9.65 16.98 -2.68
N SER A 61 -9.20 18.18 -3.12
CA SER A 61 -10.01 19.39 -3.22
C SER A 61 -11.11 19.20 -4.27
N CYS A 62 -10.85 18.43 -5.37
CA CYS A 62 -11.82 18.06 -6.41
C CYS A 62 -12.92 17.19 -5.81
N THR A 63 -12.55 16.18 -5.01
CA THR A 63 -13.50 15.30 -4.30
C THR A 63 -14.46 16.14 -3.47
N VAL A 64 -13.92 17.06 -2.65
CA VAL A 64 -14.66 17.95 -1.75
C VAL A 64 -15.57 18.88 -2.52
N LEU A 65 -15.07 19.52 -3.58
CA LEU A 65 -15.88 20.36 -4.48
C LEU A 65 -17.04 19.57 -5.10
N SER A 66 -16.80 18.34 -5.58
CA SER A 66 -17.87 17.53 -6.16
C SER A 66 -18.94 17.21 -5.14
N LEU A 67 -18.52 16.84 -3.91
CA LEU A 67 -19.43 16.53 -2.79
C LEU A 67 -20.22 17.76 -2.33
N LEU A 68 -19.65 18.98 -2.50
CA LEU A 68 -20.30 20.25 -2.17
C LEU A 68 -21.30 20.70 -3.27
N GLY A 69 -21.31 19.98 -4.40
CA GLY A 69 -22.23 20.25 -5.51
C GLY A 69 -21.67 21.13 -6.59
N ALA A 70 -20.34 21.35 -6.59
CA ALA A 70 -19.68 22.16 -7.61
C ALA A 70 -19.13 21.34 -8.78
N PRO A 71 -19.46 21.72 -10.05
CA PRO A 71 -18.87 21.01 -11.20
C PRO A 71 -17.37 21.28 -11.17
N CYS A 72 -16.55 20.24 -11.20
CA CYS A 72 -15.10 20.48 -11.13
C CYS A 72 -14.31 19.60 -12.09
N ALA A 73 -13.09 20.01 -12.35
CA ALA A 73 -12.15 19.35 -13.25
C ALA A 73 -10.79 19.23 -12.56
N PHE A 74 -10.05 18.19 -12.90
CA PHE A 74 -8.73 17.98 -12.35
C PHE A 74 -7.70 18.03 -13.48
N MET A 75 -6.61 18.75 -13.22
CA MET A 75 -5.51 18.78 -14.17
C MET A 75 -4.24 18.37 -13.43
N GLY A 76 -3.61 17.31 -13.93
CA GLY A 76 -2.43 16.75 -13.30
C GLY A 76 -1.83 15.65 -14.13
N SER A 77 -0.63 15.21 -13.76
CA SER A 77 0.11 14.17 -14.46
C SER A 77 -0.23 12.76 -14.02
N MET A 78 -0.41 11.85 -14.99
CA MET A 78 -0.65 10.44 -14.73
C MET A 78 0.05 9.64 -15.82
N ALA A 79 0.42 8.39 -15.51
CA ALA A 79 1.01 7.49 -16.49
C ALA A 79 0.04 6.30 -16.62
N PRO A 80 -0.13 5.69 -17.82
CA PRO A 80 -0.99 4.49 -17.91
C PRO A 80 -0.45 3.38 -17.01
N GLY A 81 -1.34 2.66 -16.38
CA GLY A 81 -0.99 1.60 -15.45
C GLY A 81 -2.10 1.31 -14.48
N HIS A 82 -1.91 0.31 -13.60
CA HIS A 82 -2.90 -0.13 -12.60
C HIS A 82 -3.28 0.96 -11.59
N VAL A 83 -2.30 1.80 -11.20
CA VAL A 83 -2.48 2.93 -10.27
C VAL A 83 -3.46 3.96 -10.86
N ALA A 84 -3.18 4.47 -12.08
CA ALA A 84 -3.98 5.43 -12.84
C ALA A 84 -5.39 4.88 -13.09
N ASP A 85 -5.52 3.58 -13.42
CA ASP A 85 -6.83 2.96 -13.66
C ASP A 85 -7.71 3.11 -12.43
N PHE A 86 -7.16 2.86 -11.23
CA PHE A 86 -7.89 2.99 -9.99
C PHE A 86 -8.32 4.44 -9.71
N LEU A 87 -7.38 5.38 -9.90
CA LEU A 87 -7.55 6.83 -9.71
C LEU A 87 -8.56 7.42 -10.69
N VAL A 88 -8.45 7.07 -11.98
CA VAL A 88 -9.40 7.52 -13.01
C VAL A 88 -10.82 7.03 -12.67
N ALA A 89 -10.96 5.73 -12.31
CA ALA A 89 -12.27 5.17 -11.93
C ALA A 89 -12.82 5.90 -10.68
N ASP A 90 -11.92 6.30 -9.75
CA ASP A 90 -12.31 7.03 -8.55
C ASP A 90 -12.72 8.48 -8.85
N PHE A 91 -11.97 9.17 -9.74
CA PHE A 91 -12.30 10.52 -10.18
C PHE A 91 -13.68 10.50 -10.86
N ARG A 92 -13.89 9.53 -11.77
CA ARG A 92 -15.15 9.32 -12.52
C ARG A 92 -16.33 9.05 -11.58
N ARG A 93 -16.13 8.19 -10.56
CA ARG A 93 -17.11 7.81 -9.53
C ARG A 93 -17.66 9.06 -8.80
N ARG A 94 -16.80 10.08 -8.62
CA ARG A 94 -17.09 11.35 -7.94
C ARG A 94 -17.60 12.42 -8.89
N GLY A 95 -17.62 12.11 -10.17
CA GLY A 95 -18.05 13.04 -11.21
C GLY A 95 -17.05 14.14 -11.45
N VAL A 96 -15.74 13.88 -11.17
CA VAL A 96 -14.68 14.85 -11.43
C VAL A 96 -14.28 14.69 -12.91
N ASP A 97 -14.30 15.80 -13.64
CA ASP A 97 -13.93 15.82 -15.06
C ASP A 97 -12.41 15.61 -15.15
N VAL A 98 -11.96 14.57 -15.91
CA VAL A 98 -10.52 14.22 -16.06
C VAL A 98 -9.97 14.48 -17.47
N SER A 99 -10.77 15.11 -18.34
CA SER A 99 -10.38 15.38 -19.72
C SER A 99 -9.06 16.17 -19.88
N GLN A 100 -8.68 16.97 -18.88
CA GLN A 100 -7.48 17.82 -18.87
C GLN A 100 -6.24 17.13 -18.28
N VAL A 101 -6.31 15.83 -17.94
CA VAL A 101 -5.16 15.07 -17.40
C VAL A 101 -4.03 14.97 -18.43
N ALA A 102 -2.81 15.32 -18.00
CA ALA A 102 -1.62 15.26 -18.84
C ALA A 102 -1.02 13.84 -18.75
N TRP A 103 -1.40 12.96 -19.70
CA TRP A 103 -0.91 11.58 -19.74
C TRP A 103 0.55 11.53 -20.16
N GLN A 104 1.37 10.79 -19.38
CA GLN A 104 2.83 10.67 -19.60
C GLN A 104 3.18 9.31 -20.17
N SER A 105 4.30 9.22 -20.95
CA SER A 105 4.70 7.98 -21.62
C SER A 105 5.46 7.00 -20.71
N LYS A 106 6.20 7.52 -19.70
CA LYS A 106 7.01 6.68 -18.82
C LYS A 106 6.69 6.93 -17.35
N GLY A 107 6.96 5.91 -16.52
CA GLY A 107 6.87 5.95 -15.06
C GLY A 107 5.67 5.28 -14.43
N ASP A 108 5.49 5.59 -13.15
CA ASP A 108 4.37 5.12 -12.34
C ASP A 108 3.63 6.37 -11.91
N THR A 109 2.36 6.29 -11.60
CA THR A 109 1.67 7.47 -11.11
C THR A 109 1.88 7.48 -9.57
N PRO A 110 2.00 8.67 -8.91
CA PRO A 110 2.30 8.68 -7.48
C PRO A 110 1.42 7.81 -6.59
N SER A 111 2.07 7.19 -5.61
CA SER A 111 1.46 6.36 -4.59
C SER A 111 2.13 6.68 -3.27
N SER A 112 1.48 6.29 -2.20
CA SER A 112 2.01 6.53 -0.88
C SER A 112 1.49 5.51 0.08
N CYS A 113 2.17 5.40 1.21
CA CYS A 113 1.78 4.60 2.34
C CYS A 113 1.41 5.57 3.44
N CYS A 114 0.13 5.55 3.84
CA CYS A 114 -0.40 6.39 4.91
C CYS A 114 -0.70 5.59 6.17
N ILE A 115 -0.11 6.03 7.29
CA ILE A 115 -0.38 5.41 8.57
C ILE A 115 -1.25 6.40 9.33
N ILE A 116 -2.49 6.00 9.62
CA ILE A 116 -3.44 6.84 10.35
C ILE A 116 -3.55 6.26 11.75
N ASN A 117 -3.23 7.07 12.75
CA ASN A 117 -3.29 6.66 14.15
C ASN A 117 -4.73 6.93 14.63
N ASN A 118 -5.47 5.87 14.98
CA ASN A 118 -6.87 5.95 15.40
C ASN A 118 -7.11 6.65 16.76
N SER A 119 -6.07 6.67 17.63
CA SER A 119 -6.20 7.28 18.95
C SER A 119 -6.23 8.84 18.93
N ASN A 120 -5.85 9.47 17.79
CA ASN A 120 -5.81 10.94 17.66
C ASN A 120 -6.08 11.44 16.24
N GLY A 121 -6.14 10.53 15.27
CA GLY A 121 -6.39 10.85 13.86
C GLY A 121 -5.18 11.33 13.08
N ASN A 122 -4.00 11.43 13.72
CA ASN A 122 -2.75 11.84 13.09
C ASN A 122 -2.39 10.92 11.95
N ARG A 123 -1.90 11.52 10.85
CA ARG A 123 -1.53 10.75 9.68
C ARG A 123 -0.08 10.99 9.37
N THR A 124 0.63 9.92 8.96
CA THR A 124 2.04 9.92 8.60
C THR A 124 2.13 9.34 7.20
N ILE A 125 2.70 10.12 6.25
CA ILE A 125 2.76 9.74 4.85
C ILE A 125 4.17 9.49 4.36
N VAL A 126 4.35 8.34 3.69
CA VAL A 126 5.58 7.96 3.03
C VAL A 126 5.22 8.03 1.54
N LEU A 127 5.63 9.14 0.90
CA LEU A 127 5.28 9.45 -0.49
C LEU A 127 6.29 9.04 -1.53
N HIS A 128 5.77 8.46 -2.62
CA HIS A 128 6.53 8.06 -3.77
C HIS A 128 6.14 8.91 -4.98
N ASP A 129 6.84 10.06 -5.17
CA ASP A 129 6.68 10.94 -6.33
C ASP A 129 7.61 10.33 -7.37
N THR A 130 7.02 9.37 -8.08
CA THR A 130 7.45 8.44 -9.13
C THR A 130 8.30 9.00 -10.28
N SER A 131 8.80 10.25 -10.10
CA SER A 131 9.58 11.00 -11.06
C SER A 131 8.81 11.11 -12.40
N LEU A 132 7.51 11.47 -12.29
CA LEU A 132 6.65 11.73 -13.42
C LEU A 132 6.87 13.19 -13.74
N PRO A 133 6.98 13.57 -15.04
CA PRO A 133 7.11 15.00 -15.35
C PRO A 133 5.85 15.74 -14.92
N ASP A 134 6.02 16.95 -14.38
CA ASP A 134 4.91 17.78 -13.95
C ASP A 134 4.15 18.35 -15.15
N VAL A 135 2.97 18.94 -14.90
CA VAL A 135 2.17 19.63 -15.91
C VAL A 135 2.98 20.88 -16.28
N SER A 136 3.23 21.09 -17.57
CA SER A 136 4.02 22.22 -18.02
C SER A 136 3.12 23.34 -18.50
N ALA A 137 3.73 24.53 -18.73
CA ALA A 137 3.06 25.72 -19.26
C ALA A 137 2.54 25.40 -20.67
N THR A 138 3.27 24.52 -21.40
CA THR A 138 2.93 24.03 -22.74
C THR A 138 1.61 23.26 -22.68
N ASP A 139 1.51 22.32 -21.74
CA ASP A 139 0.32 21.50 -21.50
C ASP A 139 -0.88 22.41 -21.16
N PHE A 140 -0.66 23.44 -20.32
CA PHE A 140 -1.68 24.42 -19.90
C PHE A 140 -2.15 25.37 -21.03
N GLU A 141 -1.27 25.72 -21.98
CA GLU A 141 -1.63 26.61 -23.11
C GLU A 141 -2.74 25.95 -23.95
N LYS A 142 -2.72 24.59 -24.05
CA LYS A 142 -3.65 23.74 -24.80
C LYS A 142 -5.04 23.65 -24.17
N VAL A 143 -5.24 24.33 -23.05
CA VAL A 143 -6.50 24.29 -22.31
C VAL A 143 -7.42 25.46 -22.62
N ASP A 144 -8.71 25.14 -22.89
CA ASP A 144 -9.81 26.07 -23.15
C ASP A 144 -10.28 26.59 -21.82
N LEU A 145 -9.91 27.84 -21.51
CA LEU A 145 -10.23 28.44 -20.22
C LEU A 145 -11.67 28.89 -20.05
N THR A 146 -12.43 29.06 -21.14
CA THR A 146 -13.82 29.55 -21.13
C THR A 146 -14.78 28.77 -20.21
N GLN A 147 -14.61 27.43 -20.08
CA GLN A 147 -15.46 26.61 -19.21
C GLN A 147 -15.20 26.78 -17.70
N PHE A 148 -14.11 27.47 -17.30
CA PHE A 148 -13.78 27.66 -15.90
C PHE A 148 -14.15 29.02 -15.33
N LYS A 149 -14.76 29.02 -14.13
CA LYS A 149 -15.09 30.23 -13.37
C LYS A 149 -14.00 30.49 -12.29
N TRP A 150 -13.29 29.42 -11.90
CA TRP A 150 -12.25 29.43 -10.86
C TRP A 150 -11.15 28.42 -11.24
N ILE A 151 -9.88 28.81 -11.07
CA ILE A 151 -8.71 27.97 -11.31
C ILE A 151 -7.83 27.99 -10.07
N HIS A 152 -7.70 26.82 -9.42
CA HIS A 152 -6.86 26.63 -8.24
C HIS A 152 -5.60 25.88 -8.65
N ILE A 153 -4.45 26.44 -8.30
CA ILE A 153 -3.16 25.82 -8.62
C ILE A 153 -2.41 25.46 -7.34
N GLU A 154 -2.08 24.17 -7.19
CA GLU A 154 -1.29 23.67 -6.06
C GLU A 154 0.17 23.87 -6.49
N GLY A 155 0.90 24.72 -5.76
CA GLY A 155 2.30 25.03 -6.03
C GLY A 155 3.23 23.82 -6.03
N ARG A 156 3.89 23.55 -7.18
CA ARG A 156 4.85 22.44 -7.33
C ARG A 156 6.05 22.91 -8.14
N ASN A 157 5.89 22.99 -9.49
CA ASN A 157 6.89 23.46 -10.46
C ASN A 157 6.61 24.94 -10.75
N ALA A 158 7.03 25.79 -9.80
CA ALA A 158 6.78 27.23 -9.71
C ALA A 158 7.05 28.07 -10.96
N SER A 159 8.24 27.94 -11.59
CA SER A 159 8.56 28.73 -12.78
C SER A 159 7.63 28.43 -13.97
N GLU A 160 7.17 27.19 -14.05
CA GLU A 160 6.27 26.69 -15.09
C GLU A 160 4.78 27.03 -14.78
N GLN A 161 4.45 27.24 -13.48
CA GLN A 161 3.12 27.63 -12.99
C GLN A 161 2.88 29.15 -13.07
N VAL A 162 3.96 29.95 -12.92
CA VAL A 162 3.93 31.42 -13.07
C VAL A 162 3.45 31.75 -14.51
N LYS A 163 3.93 30.99 -15.51
CA LYS A 163 3.54 31.15 -16.92
C LYS A 163 2.05 30.82 -17.12
N MET A 164 1.56 29.77 -16.43
CA MET A 164 0.15 29.37 -16.45
C MET A 164 -0.69 30.53 -15.87
N LEU A 165 -0.23 31.11 -14.74
CA LEU A 165 -0.88 32.21 -14.05
C LEU A 165 -0.89 33.50 -14.89
N GLN A 166 0.19 33.75 -15.66
CA GLN A 166 0.29 34.88 -16.59
C GLN A 166 -0.69 34.69 -17.75
N ARG A 167 -0.92 33.44 -18.19
CA ARG A 167 -1.88 33.11 -19.24
C ARG A 167 -3.34 33.46 -18.81
N ILE A 168 -3.71 33.15 -17.56
CA ILE A 168 -5.03 33.44 -16.99
C ILE A 168 -5.26 34.97 -16.88
N ASP A 169 -4.25 35.72 -16.40
CA ASP A 169 -4.31 37.20 -16.32
C ASP A 169 -4.55 37.81 -17.70
N ALA A 170 -3.85 37.27 -18.73
CA ALA A 170 -3.97 37.70 -20.12
C ALA A 170 -5.40 37.45 -20.61
N HIS A 171 -6.01 36.29 -20.24
CA HIS A 171 -7.38 35.92 -20.61
C HIS A 171 -8.36 36.91 -19.98
N ASN A 172 -8.17 37.18 -18.69
CA ASN A 172 -8.99 38.09 -17.88
C ASN A 172 -8.96 39.53 -18.34
N THR A 173 -7.81 40.00 -18.86
CA THR A 173 -7.61 41.35 -19.40
C THR A 173 -8.62 41.66 -20.52
N ARG A 174 -8.88 40.66 -21.38
CA ARG A 174 -9.77 40.70 -22.52
C ARG A 174 -11.26 40.41 -22.18
N GLN A 175 -11.61 40.31 -20.87
CA GLN A 175 -12.96 39.97 -20.40
C GLN A 175 -13.64 41.04 -19.52
N PRO A 176 -15.01 41.14 -19.51
CA PRO A 176 -15.68 42.06 -18.57
C PRO A 176 -15.58 41.52 -17.13
N PRO A 177 -15.76 42.34 -16.07
CA PRO A 177 -15.58 41.83 -14.69
C PRO A 177 -16.37 40.58 -14.27
N GLU A 178 -17.58 40.37 -14.82
CA GLU A 178 -18.40 39.21 -14.46
C GLU A 178 -17.94 37.92 -15.18
N GLN A 179 -17.17 38.06 -16.28
CA GLN A 179 -16.65 36.95 -17.07
C GLN A 179 -15.18 36.60 -16.73
N LYS A 180 -14.62 37.26 -15.69
CA LYS A 180 -13.26 37.09 -15.22
C LYS A 180 -13.10 35.80 -14.38
N ILE A 181 -12.07 35.01 -14.69
CA ILE A 181 -11.77 33.77 -13.97
C ILE A 181 -11.08 34.08 -12.65
N ARG A 182 -11.66 33.60 -11.51
CA ARG A 182 -11.05 33.78 -10.21
C ARG A 182 -9.91 32.78 -10.04
N VAL A 183 -8.84 33.19 -9.37
CA VAL A 183 -7.63 32.38 -9.23
C VAL A 183 -7.19 32.23 -7.79
N SER A 184 -6.85 30.99 -7.41
CA SER A 184 -6.28 30.71 -6.11
C SER A 184 -5.00 29.91 -6.29
N VAL A 185 -4.09 30.10 -5.35
CA VAL A 185 -2.78 29.44 -5.35
C VAL A 185 -2.55 28.89 -3.94
N GLU A 186 -1.94 27.70 -3.83
CA GLU A 186 -1.61 27.12 -2.53
C GLU A 186 -0.09 26.97 -2.48
N VAL A 187 0.54 27.54 -1.45
CA VAL A 187 1.98 27.41 -1.19
C VAL A 187 2.05 26.56 0.08
N GLU A 188 2.13 25.24 -0.12
CA GLU A 188 2.06 24.23 0.95
C GLU A 188 3.43 23.65 1.36
N LYS A 189 4.37 23.56 0.42
CA LYS A 189 5.70 23.02 0.72
C LYS A 189 6.72 24.13 1.01
N PRO A 190 7.57 23.97 2.06
CA PRO A 190 8.57 25.02 2.35
C PRO A 190 9.78 24.96 1.41
N ARG A 191 9.54 25.33 0.14
CA ARG A 191 10.52 25.40 -0.94
C ARG A 191 10.57 26.84 -1.42
N GLU A 192 11.77 27.48 -1.34
CA GLU A 192 12.04 28.86 -1.74
C GLU A 192 11.46 29.19 -3.11
N GLU A 193 11.62 28.26 -4.06
CA GLU A 193 11.16 28.29 -5.45
C GLU A 193 9.67 28.72 -5.53
N LEU A 194 8.82 28.19 -4.61
CA LEU A 194 7.38 28.44 -4.55
C LEU A 194 6.97 29.83 -4.10
N PHE A 195 7.83 30.53 -3.33
CA PHE A 195 7.45 31.83 -2.74
C PHE A 195 7.17 32.91 -3.78
N GLN A 196 7.60 32.70 -5.04
CA GLN A 196 7.30 33.64 -6.13
C GLN A 196 5.78 33.62 -6.43
N LEU A 197 5.12 32.47 -6.18
CA LEU A 197 3.69 32.25 -6.40
C LEU A 197 2.80 33.12 -5.53
N PHE A 198 3.32 33.66 -4.40
CA PHE A 198 2.60 34.57 -3.50
C PHE A 198 2.06 35.79 -4.24
N GLY A 199 2.79 36.24 -5.26
CA GLY A 199 2.44 37.38 -6.09
C GLY A 199 1.41 37.16 -7.16
N TYR A 200 0.79 35.97 -7.19
CA TYR A 200 -0.24 35.61 -8.17
C TYR A 200 -1.51 35.13 -7.46
N GLY A 201 -2.65 35.35 -8.12
CA GLY A 201 -3.94 34.92 -7.59
C GLY A 201 -4.69 35.95 -6.75
N ASP A 202 -6.01 35.78 -6.69
CA ASP A 202 -6.94 36.60 -5.92
C ASP A 202 -6.96 36.13 -4.48
N VAL A 203 -6.73 34.81 -4.30
CA VAL A 203 -6.70 34.11 -3.02
C VAL A 203 -5.42 33.29 -2.97
N VAL A 204 -4.61 33.52 -1.92
CA VAL A 204 -3.35 32.82 -1.71
C VAL A 204 -3.46 32.07 -0.40
N PHE A 205 -3.30 30.73 -0.43
CA PHE A 205 -3.29 29.88 0.76
C PHE A 205 -1.83 29.58 1.09
N VAL A 206 -1.43 29.87 2.32
CA VAL A 206 -0.08 29.56 2.79
C VAL A 206 -0.22 28.58 3.96
N SER A 207 0.51 27.47 3.92
CA SER A 207 0.40 26.49 4.99
C SER A 207 1.15 26.91 6.27
N LYS A 208 0.73 26.33 7.40
CA LYS A 208 1.33 26.44 8.72
C LYS A 208 2.83 25.97 8.64
N ASP A 209 3.09 24.87 7.93
CA ASP A 209 4.43 24.34 7.74
C ASP A 209 5.34 25.35 6.99
N VAL A 210 4.82 26.02 5.94
CA VAL A 210 5.57 27.06 5.22
C VAL A 210 5.84 28.25 6.15
N ALA A 211 4.80 28.67 6.91
CA ALA A 211 4.87 29.79 7.87
C ALA A 211 5.91 29.55 8.96
N LYS A 212 5.91 28.34 9.57
CA LYS A 212 6.85 27.94 10.62
C LYS A 212 8.29 27.95 10.10
N HIS A 213 8.48 27.49 8.85
CA HIS A 213 9.78 27.47 8.19
C HIS A 213 10.35 28.87 7.95
N LEU A 214 9.46 29.88 7.83
CA LEU A 214 9.82 31.28 7.66
C LEU A 214 9.94 32.00 9.02
N GLY A 215 9.83 31.23 10.11
CA GLY A 215 9.97 31.72 11.47
C GLY A 215 8.74 32.36 12.11
N PHE A 216 7.54 32.21 11.49
CA PHE A 216 6.28 32.74 12.01
C PHE A 216 5.70 31.72 12.99
N GLN A 217 5.28 32.18 14.18
CA GLN A 217 4.78 31.32 15.26
C GLN A 217 3.24 31.22 15.35
N SER A 218 2.52 31.93 14.46
CA SER A 218 1.05 31.93 14.40
C SER A 218 0.57 32.36 13.01
N ALA A 219 -0.71 32.11 12.71
CA ALA A 219 -1.38 32.51 11.47
C ALA A 219 -1.37 34.04 11.33
N GLU A 220 -1.63 34.79 12.45
CA GLU A 220 -1.63 36.25 12.43
C GLU A 220 -0.24 36.83 12.08
N GLU A 221 0.86 36.26 12.65
CA GLU A 221 2.23 36.66 12.35
C GLU A 221 2.58 36.39 10.88
N ALA A 222 2.16 35.24 10.36
CA ALA A 222 2.46 34.87 8.97
C ALA A 222 1.70 35.80 8.00
N LEU A 223 0.39 36.03 8.25
CA LEU A 223 -0.38 36.94 7.39
C LEU A 223 0.16 38.36 7.35
N ARG A 224 0.53 38.92 8.51
CA ARG A 224 1.09 40.27 8.58
C ARG A 224 2.47 40.36 7.94
N GLY A 225 3.26 39.30 8.12
CA GLY A 225 4.62 39.20 7.59
C GLY A 225 4.67 38.95 6.09
N LEU A 226 3.68 38.23 5.55
CA LEU A 226 3.68 37.87 4.13
C LEU A 226 2.73 38.68 3.25
N TYR A 227 1.84 39.53 3.82
CA TYR A 227 0.88 40.29 3.00
C TYR A 227 1.54 41.20 1.95
N GLY A 228 2.73 41.73 2.24
CA GLY A 228 3.47 42.56 1.30
C GLY A 228 3.88 41.85 0.02
N ARG A 229 3.85 40.49 0.04
CA ARG A 229 4.22 39.62 -1.08
C ARG A 229 3.08 39.29 -2.06
N VAL A 230 1.82 39.58 -1.70
CA VAL A 230 0.67 39.27 -2.58
C VAL A 230 0.36 40.44 -3.53
N ARG A 231 -0.39 40.16 -4.62
CA ARG A 231 -0.92 41.09 -5.62
C ARG A 231 -1.83 42.13 -4.92
N LYS A 232 -2.10 43.26 -5.60
CA LYS A 232 -3.01 44.30 -5.07
C LYS A 232 -4.45 43.76 -5.11
N GLY A 233 -5.11 43.76 -3.94
CA GLY A 233 -6.48 43.29 -3.79
C GLY A 233 -6.65 41.85 -3.36
N ALA A 234 -5.54 41.09 -3.31
CA ALA A 234 -5.56 39.68 -2.97
C ALA A 234 -5.87 39.41 -1.52
N VAL A 235 -6.38 38.20 -1.24
CA VAL A 235 -6.68 37.75 0.10
C VAL A 235 -5.65 36.64 0.43
N LEU A 236 -4.92 36.81 1.54
CA LEU A 236 -3.95 35.82 2.03
C LEU A 236 -4.65 35.03 3.14
N VAL A 237 -4.64 33.69 3.03
CA VAL A 237 -5.31 32.77 3.96
C VAL A 237 -4.28 31.84 4.60
N CYS A 238 -4.36 31.68 5.92
CA CYS A 238 -3.50 30.77 6.66
C CYS A 238 -4.28 29.99 7.74
N ALA A 239 -4.45 28.69 7.49
CA ALA A 239 -5.07 27.73 8.39
C ALA A 239 -3.94 27.21 9.33
N TRP A 240 -4.24 27.07 10.62
CA TRP A 240 -3.31 26.63 11.64
C TRP A 240 -3.91 25.41 12.37
N ALA A 241 -4.35 24.40 11.60
CA ALA A 241 -4.92 23.14 12.09
C ALA A 241 -6.04 23.38 13.15
N GLU A 242 -5.93 22.80 14.36
CA GLU A 242 -6.99 22.96 15.36
C GLU A 242 -7.00 24.36 16.04
N GLU A 243 -6.14 25.28 15.60
CA GLU A 243 -6.19 26.68 16.06
C GLU A 243 -7.08 27.52 15.11
N GLY A 244 -7.65 26.86 14.10
CA GLY A 244 -8.53 27.52 13.16
C GLY A 244 -7.78 28.16 12.02
N ALA A 245 -8.35 29.20 11.45
CA ALA A 245 -7.77 29.86 10.27
C ALA A 245 -7.96 31.35 10.27
N ASP A 246 -7.03 32.05 9.61
CA ASP A 246 -7.05 33.50 9.46
C ASP A 246 -6.97 33.88 7.98
N ALA A 247 -7.49 35.06 7.67
CA ALA A 247 -7.46 35.64 6.33
C ALA A 247 -7.19 37.14 6.47
N LEU A 248 -6.47 37.69 5.50
CA LEU A 248 -6.13 39.10 5.47
C LEU A 248 -6.28 39.58 4.02
N GLY A 249 -7.13 40.58 3.84
CA GLY A 249 -7.39 41.19 2.55
C GLY A 249 -6.88 42.61 2.45
N PRO A 250 -7.20 43.31 1.33
CA PRO A 250 -6.70 44.69 1.13
C PRO A 250 -7.13 45.73 2.16
N ASP A 251 -8.26 45.52 2.89
CA ASP A 251 -8.71 46.48 3.90
C ASP A 251 -7.85 46.48 5.18
N GLY A 252 -6.88 45.56 5.28
CA GLY A 252 -5.96 45.45 6.40
C GLY A 252 -6.53 44.84 7.67
N LYS A 253 -7.79 44.38 7.63
CA LYS A 253 -8.47 43.78 8.77
C LYS A 253 -8.27 42.27 8.85
N LEU A 254 -7.62 41.81 9.94
CA LEU A 254 -7.40 40.39 10.17
C LEU A 254 -8.74 39.73 10.51
N LEU A 255 -9.02 38.61 9.80
CA LEU A 255 -10.21 37.82 10.00
C LEU A 255 -9.81 36.48 10.57
N HIS A 256 -10.63 35.97 11.50
CA HIS A 256 -10.34 34.69 12.12
C HIS A 256 -11.56 33.81 12.22
N SER A 257 -11.36 32.50 12.09
CA SER A 257 -12.39 31.51 12.39
C SER A 257 -11.76 30.47 13.30
N ASP A 258 -12.46 30.11 14.38
CA ASP A 258 -12.03 28.99 15.22
C ASP A 258 -12.26 27.70 14.41
N ALA A 259 -11.53 26.63 14.76
CA ALA A 259 -11.69 25.31 14.17
C ALA A 259 -13.02 24.69 14.70
N PHE A 260 -13.48 23.62 14.05
CA PHE A 260 -14.68 22.91 14.50
C PHE A 260 -14.23 21.46 14.82
N PRO A 261 -13.35 21.24 15.84
CA PRO A 261 -12.86 19.88 16.05
C PRO A 261 -13.99 18.91 16.39
N PRO A 262 -13.95 17.68 15.87
CA PRO A 262 -14.97 16.70 16.26
C PRO A 262 -14.66 16.17 17.68
N PRO A 263 -15.63 15.67 18.48
CA PRO A 263 -15.27 15.15 19.82
C PRO A 263 -14.21 14.04 19.75
N ARG A 264 -14.25 13.23 18.68
CA ARG A 264 -13.27 12.18 18.44
C ARG A 264 -12.67 12.38 17.04
N VAL A 265 -11.39 12.74 16.99
CA VAL A 265 -10.65 12.92 15.74
C VAL A 265 -10.23 11.50 15.33
N VAL A 266 -10.69 11.05 14.17
CA VAL A 266 -10.39 9.70 13.72
C VAL A 266 -9.48 9.67 12.47
N ASP A 267 -9.59 10.69 11.58
CA ASP A 267 -8.77 10.74 10.36
C ASP A 267 -8.60 12.18 9.83
N THR A 268 -7.39 12.72 9.96
CA THR A 268 -7.06 14.07 9.52
C THR A 268 -6.57 14.18 8.09
N LEU A 269 -6.22 13.07 7.43
CA LEU A 269 -5.69 13.07 6.08
C LEU A 269 -6.62 13.79 5.09
N GLY A 270 -6.10 14.87 4.48
CA GLY A 270 -6.85 15.69 3.53
C GLY A 270 -7.75 16.74 4.15
N ALA A 271 -7.59 17.04 5.46
CA ALA A 271 -8.39 18.08 6.16
C ALA A 271 -8.06 19.49 5.61
N GLY A 272 -6.78 19.72 5.32
CA GLY A 272 -6.29 20.98 4.75
C GLY A 272 -6.87 21.24 3.38
N ASP A 273 -6.90 20.20 2.54
CA ASP A 273 -7.49 20.24 1.20
C ASP A 273 -9.00 20.46 1.26
N THR A 274 -9.66 19.92 2.31
CA THR A 274 -11.09 20.07 2.57
C THR A 274 -11.38 21.53 2.86
N PHE A 275 -10.50 22.17 3.65
CA PHE A 275 -10.56 23.58 3.99
C PHE A 275 -10.43 24.44 2.73
N ASN A 276 -9.39 24.20 1.90
CA ASN A 276 -9.13 24.97 0.69
C ASN A 276 -10.29 24.91 -0.27
N ALA A 277 -10.81 23.68 -0.56
CA ALA A 277 -11.95 23.45 -1.43
C ALA A 277 -13.20 24.13 -0.92
N SER A 278 -13.45 24.09 0.39
CA SER A 278 -14.61 24.72 1.03
C SER A 278 -14.55 26.22 1.01
N VAL A 279 -13.33 26.79 1.19
CA VAL A 279 -13.10 28.24 1.11
C VAL A 279 -13.40 28.70 -0.32
N ILE A 280 -12.79 28.04 -1.31
CA ILE A 280 -12.97 28.30 -2.75
C ILE A 280 -14.45 28.22 -3.09
N PHE A 281 -15.13 27.16 -2.65
CA PHE A 281 -16.54 26.93 -2.91
C PHE A 281 -17.40 28.09 -2.40
N SER A 282 -17.23 28.43 -1.11
CA SER A 282 -17.92 29.52 -0.42
C SER A 282 -17.68 30.88 -1.12
N LEU A 283 -16.40 31.20 -1.46
CA LEU A 283 -16.08 32.42 -2.20
C LEU A 283 -16.71 32.44 -3.60
N SER A 284 -16.70 31.30 -4.33
CA SER A 284 -17.31 31.19 -5.68
C SER A 284 -18.84 31.39 -5.65
N GLN A 285 -19.49 31.17 -4.48
CA GLN A 285 -20.93 31.33 -4.23
C GLN A 285 -21.28 32.78 -3.79
N GLY A 286 -20.29 33.69 -3.78
CA GLY A 286 -20.47 35.08 -3.43
C GLY A 286 -20.49 35.40 -1.94
N ARG A 287 -20.07 34.45 -1.09
CA ARG A 287 -20.04 34.68 0.36
C ARG A 287 -18.82 35.51 0.79
N SER A 288 -18.90 36.20 1.95
CA SER A 288 -17.77 36.99 2.44
C SER A 288 -16.58 36.10 2.82
N VAL A 289 -15.41 36.72 2.96
CA VAL A 289 -14.17 36.06 3.38
C VAL A 289 -14.39 35.43 4.79
N GLN A 290 -15.05 36.16 5.69
CA GLN A 290 -15.36 35.70 7.05
C GLN A 290 -16.21 34.43 7.01
N GLU A 291 -17.30 34.46 6.21
CA GLU A 291 -18.22 33.32 5.99
C GLU A 291 -17.47 32.12 5.40
N ALA A 292 -16.57 32.38 4.43
CA ALA A 292 -15.75 31.36 3.77
C ALA A 292 -14.76 30.66 4.72
N LEU A 293 -14.08 31.42 5.61
CA LEU A 293 -13.13 30.90 6.59
C LEU A 293 -13.82 29.88 7.51
N ARG A 294 -14.93 30.32 8.02
CA ARG A 294 -15.83 29.65 8.93
C ARG A 294 -16.36 28.37 8.31
N PHE A 295 -16.87 28.46 7.07
CA PHE A 295 -17.34 27.31 6.30
C PHE A 295 -16.18 26.30 6.07
N GLY A 296 -15.02 26.81 5.66
CA GLY A 296 -13.82 26.02 5.50
C GLY A 296 -13.44 25.24 6.76
N CYS A 297 -13.43 25.91 7.91
CA CYS A 297 -13.15 25.28 9.21
C CYS A 297 -14.19 24.25 9.58
N GLN A 298 -15.46 24.56 9.25
CA GLN A 298 -16.59 23.68 9.56
C GLN A 298 -16.51 22.35 8.85
N VAL A 299 -16.24 22.37 7.55
CA VAL A 299 -16.19 21.18 6.72
C VAL A 299 -14.91 20.39 7.00
N ALA A 300 -13.75 21.08 7.20
CA ALA A 300 -12.48 20.43 7.55
C ALA A 300 -12.64 19.70 8.88
N GLY A 301 -13.33 20.32 9.83
CA GLY A 301 -13.55 19.75 11.15
C GLY A 301 -14.44 18.53 11.16
N LYS A 302 -15.51 18.55 10.31
CA LYS A 302 -16.42 17.44 10.16
C LYS A 302 -15.66 16.25 9.53
N LYS A 303 -14.81 16.54 8.52
CA LYS A 303 -13.99 15.53 7.86
C LYS A 303 -13.12 14.77 8.88
N CYS A 304 -12.51 15.48 9.85
CA CYS A 304 -11.61 14.93 10.86
C CYS A 304 -12.24 13.87 11.78
N GLY A 305 -13.55 13.85 11.86
CA GLY A 305 -14.29 12.88 12.66
C GLY A 305 -14.83 11.72 11.84
N LEU A 306 -14.40 11.62 10.58
CA LEU A 306 -14.82 10.57 9.64
C LEU A 306 -13.60 9.93 8.96
N GLN A 307 -13.79 8.71 8.43
CA GLN A 307 -12.75 8.04 7.62
C GLN A 307 -13.09 8.45 6.18
N GLY A 308 -12.15 9.10 5.51
CA GLY A 308 -12.34 9.59 4.15
C GLY A 308 -13.21 10.82 4.03
N PHE A 309 -13.89 10.96 2.88
CA PHE A 309 -14.70 12.13 2.54
C PHE A 309 -16.21 11.91 2.54
N ASP A 310 -16.65 10.64 2.58
CA ASP A 310 -18.08 10.32 2.62
C ASP A 310 -18.74 10.87 3.89
N GLY A 311 -19.83 11.59 3.69
CA GLY A 311 -20.59 12.18 4.79
C GLY A 311 -20.10 13.51 5.32
N ILE A 312 -19.24 14.25 4.54
CA ILE A 312 -18.76 15.58 4.98
C ILE A 312 -19.87 16.65 4.85
N VAL A 313 -20.94 16.31 4.08
CA VAL A 313 -22.18 17.08 3.83
C VAL A 313 -23.28 16.09 3.45
N GLY B 13 -9.37 -23.95 -17.81
CA GLY B 13 -8.98 -25.00 -18.76
C GLY B 13 -8.70 -26.35 -18.10
N LEU B 14 -8.58 -27.40 -18.95
CA LEU B 14 -8.32 -28.77 -18.53
C LEU B 14 -6.96 -28.94 -17.85
N VAL B 15 -6.98 -29.45 -16.60
CA VAL B 15 -5.75 -29.72 -15.85
C VAL B 15 -5.55 -31.26 -15.82
N PRO B 16 -4.49 -31.81 -16.44
CA PRO B 16 -4.28 -33.26 -16.35
C PRO B 16 -4.25 -33.77 -14.90
N ARG B 17 -4.85 -34.94 -14.71
CA ARG B 17 -4.94 -35.66 -13.42
C ARG B 17 -3.52 -35.88 -12.85
N GLY B 18 -3.36 -35.60 -11.55
CA GLY B 18 -2.11 -35.77 -10.79
C GLY B 18 -0.92 -35.04 -11.36
N SER B 19 -1.10 -33.81 -11.85
CA SER B 19 -0.05 -33.04 -12.49
C SER B 19 0.40 -31.79 -11.71
N GLN B 20 -0.49 -31.24 -10.87
CA GLN B 20 -0.24 -29.98 -10.14
C GLN B 20 0.24 -30.12 -8.71
N ILE B 21 0.99 -29.13 -8.24
CA ILE B 21 1.38 -28.99 -6.85
C ILE B 21 0.50 -27.84 -6.31
N LEU B 22 -0.29 -28.14 -5.28
CA LEU B 22 -1.14 -27.14 -4.66
C LEU B 22 -0.46 -26.54 -3.41
N CYS B 23 -0.47 -25.20 -3.26
CA CYS B 23 -0.03 -24.50 -2.05
C CYS B 23 -1.21 -23.77 -1.42
N VAL B 24 -1.54 -24.14 -0.17
CA VAL B 24 -2.64 -23.58 0.61
C VAL B 24 -2.06 -22.63 1.64
N GLY B 25 -2.47 -21.38 1.61
CA GLY B 25 -1.98 -20.43 2.59
C GLY B 25 -2.33 -19.01 2.28
N LEU B 26 -1.43 -18.10 2.66
CA LEU B 26 -1.64 -16.67 2.61
C LEU B 26 -1.04 -16.03 1.36
N VAL B 27 -1.80 -15.07 0.80
CA VAL B 27 -1.39 -14.15 -0.23
C VAL B 27 -1.51 -12.78 0.40
N VAL B 28 -0.46 -11.96 0.27
CA VAL B 28 -0.46 -10.61 0.81
C VAL B 28 0.10 -9.61 -0.19
N LEU B 29 -0.49 -8.40 -0.27
CA LEU B 29 0.11 -7.33 -1.07
C LEU B 29 1.11 -6.57 -0.12
N ASP B 30 2.40 -6.69 -0.38
CA ASP B 30 3.43 -5.99 0.40
C ASP B 30 3.85 -4.65 -0.23
N VAL B 31 3.63 -3.56 0.49
CA VAL B 31 4.06 -2.25 0.01
C VAL B 31 5.38 -1.94 0.73
N ILE B 32 6.51 -2.04 0.02
CA ILE B 32 7.83 -1.78 0.61
C ILE B 32 8.39 -0.41 0.22
N SER B 33 8.72 0.42 1.22
CA SER B 33 9.24 1.77 1.05
C SER B 33 10.62 1.86 1.65
N LEU B 34 11.57 2.39 0.90
CA LEU B 34 12.95 2.60 1.34
C LEU B 34 13.10 4.10 1.64
N VAL B 35 13.44 4.43 2.88
CA VAL B 35 13.53 5.83 3.32
C VAL B 35 14.95 6.21 3.82
N ASP B 36 15.32 7.51 3.80
CA ASP B 36 16.63 7.97 4.28
C ASP B 36 16.68 7.89 5.82
N LYS B 37 15.56 8.27 6.47
CA LYS B 37 15.36 8.21 7.92
C LYS B 37 13.89 7.85 8.22
N TYR B 38 13.67 7.14 9.33
CA TYR B 38 12.33 6.74 9.78
C TYR B 38 11.45 7.98 10.02
N PRO B 39 10.22 8.03 9.45
CA PRO B 39 9.39 9.25 9.63
C PRO B 39 8.91 9.49 11.04
N LYS B 40 8.82 10.77 11.42
CA LYS B 40 8.28 11.17 12.71
C LYS B 40 6.77 11.22 12.51
N GLU B 41 5.98 10.84 13.55
CA GLU B 41 4.52 10.86 13.45
C GLU B 41 4.01 12.24 13.05
N ASP B 42 2.96 12.28 12.19
CA ASP B 42 2.29 13.48 11.68
C ASP B 42 3.00 14.12 10.47
N SER B 43 4.20 13.63 10.11
CA SER B 43 4.97 14.16 8.99
C SER B 43 4.69 13.44 7.65
N GLU B 44 5.04 14.12 6.54
CA GLU B 44 4.99 13.64 5.17
C GLU B 44 6.46 13.64 4.69
N ILE B 45 6.95 12.47 4.23
CA ILE B 45 8.32 12.28 3.77
C ILE B 45 8.33 11.63 2.41
N ARG B 46 9.34 11.97 1.60
CA ARG B 46 9.55 11.39 0.27
C ARG B 46 10.44 10.17 0.45
N CYS B 47 10.03 9.02 -0.09
CA CYS B 47 10.86 7.82 0.01
C CYS B 47 11.86 7.82 -1.16
N LEU B 48 12.91 7.01 -1.02
CA LEU B 48 13.96 6.83 -2.04
C LEU B 48 13.44 5.90 -3.13
N SER B 49 12.76 4.81 -2.74
CA SER B 49 12.09 3.87 -3.65
C SER B 49 10.91 3.16 -2.99
N GLN B 50 9.85 2.92 -3.74
CA GLN B 50 8.65 2.23 -3.28
C GLN B 50 8.39 1.09 -4.26
N ARG B 51 7.92 -0.05 -3.71
CA ARG B 51 7.69 -1.28 -4.48
C ARG B 51 6.46 -2.04 -3.93
N TRP B 52 5.60 -2.55 -4.84
CA TRP B 52 4.49 -3.44 -4.49
C TRP B 52 4.91 -4.82 -4.91
N GLN B 53 4.74 -5.77 -4.01
CA GLN B 53 5.13 -7.16 -4.22
C GLN B 53 4.07 -8.07 -3.69
N ARG B 54 3.80 -9.17 -4.40
CA ARG B 54 2.92 -10.23 -3.90
C ARG B 54 3.80 -11.00 -2.93
N GLY B 55 3.25 -11.22 -1.74
CA GLY B 55 3.87 -11.93 -0.63
C GLY B 55 2.99 -13.06 -0.14
N GLY B 56 3.31 -13.52 1.04
CA GLY B 56 2.66 -14.66 1.65
C GLY B 56 3.56 -15.88 1.40
N ASN B 57 3.68 -16.80 2.38
CA ASN B 57 4.51 -18.01 2.25
C ASN B 57 4.10 -18.95 1.12
N ALA B 58 2.81 -19.42 1.13
CA ALA B 58 2.27 -20.31 0.11
C ALA B 58 2.32 -19.63 -1.26
N SER B 59 2.06 -18.30 -1.28
CA SER B 59 2.06 -17.49 -2.48
C SER B 59 3.46 -17.40 -3.12
N ASN B 60 4.50 -17.20 -2.30
CA ASN B 60 5.90 -17.12 -2.77
C ASN B 60 6.41 -18.46 -3.30
N SER B 61 6.02 -19.54 -2.64
CA SER B 61 6.34 -20.93 -3.01
C SER B 61 5.75 -21.30 -4.36
N CYS B 62 4.54 -20.79 -4.70
CA CYS B 62 3.88 -20.95 -6.00
C CYS B 62 4.72 -20.30 -7.10
N THR B 63 5.17 -19.04 -6.87
CA THR B 63 6.06 -18.32 -7.79
C THR B 63 7.27 -19.20 -8.15
N VAL B 64 7.97 -19.72 -7.10
CA VAL B 64 9.17 -20.54 -7.21
C VAL B 64 8.90 -21.84 -7.97
N LEU B 65 7.83 -22.56 -7.63
CA LEU B 65 7.40 -23.76 -8.35
C LEU B 65 7.16 -23.49 -9.83
N SER B 66 6.45 -22.38 -10.16
CA SER B 66 6.21 -22.05 -11.57
C SER B 66 7.52 -21.82 -12.32
N LEU B 67 8.46 -21.07 -11.71
CA LEU B 67 9.76 -20.78 -12.27
C LEU B 67 10.64 -22.02 -12.41
N LEU B 68 10.42 -23.05 -11.54
CA LEU B 68 11.15 -24.32 -11.59
C LEU B 68 10.57 -25.26 -12.70
N GLY B 69 9.45 -24.88 -13.29
CA GLY B 69 8.84 -25.66 -14.35
C GLY B 69 7.73 -26.57 -13.92
N ALA B 70 7.24 -26.39 -12.67
CA ALA B 70 6.15 -27.20 -12.14
C ALA B 70 4.77 -26.53 -12.33
N PRO B 71 3.78 -27.27 -12.88
CA PRO B 71 2.41 -26.73 -12.89
C PRO B 71 1.95 -26.57 -11.44
N CYS B 72 1.52 -25.39 -11.05
CA CYS B 72 1.10 -25.19 -9.66
C CYS B 72 -0.14 -24.35 -9.55
N ALA B 73 -0.78 -24.48 -8.39
CA ALA B 73 -2.04 -23.82 -8.07
C ALA B 73 -1.94 -23.21 -6.68
N PHE B 74 -2.65 -22.11 -6.47
CA PHE B 74 -2.68 -21.45 -5.16
C PHE B 74 -4.09 -21.55 -4.60
N MET B 75 -4.17 -21.88 -3.31
CA MET B 75 -5.46 -21.87 -2.62
C MET B 75 -5.32 -20.98 -1.39
N GLY B 76 -6.15 -19.97 -1.34
CA GLY B 76 -6.13 -19.01 -0.26
C GLY B 76 -7.30 -18.07 -0.36
N SER B 77 -7.51 -17.25 0.65
CA SER B 77 -8.60 -16.29 0.71
C SER B 77 -8.31 -14.96 0.08
N MET B 78 -9.28 -14.44 -0.67
CA MET B 78 -9.21 -13.10 -1.26
C MET B 78 -10.61 -12.52 -1.27
N ALA B 79 -10.72 -11.19 -1.25
CA ALA B 79 -12.01 -10.50 -1.40
C ALA B 79 -11.96 -9.72 -2.73
N PRO B 80 -13.09 -9.61 -3.47
CA PRO B 80 -13.06 -8.82 -4.72
C PRO B 80 -12.66 -7.38 -4.43
N GLY B 81 -11.88 -6.81 -5.33
CA GLY B 81 -11.40 -5.45 -5.11
C GLY B 81 -10.10 -5.20 -5.80
N HIS B 82 -9.61 -3.98 -5.65
CA HIS B 82 -8.39 -3.55 -6.32
CA HIS B 82 -8.37 -3.48 -6.25
C HIS B 82 -7.11 -4.24 -5.81
N VAL B 83 -7.05 -4.66 -4.52
CA VAL B 83 -5.91 -5.39 -3.94
C VAL B 83 -5.80 -6.78 -4.63
N ALA B 84 -6.91 -7.55 -4.65
CA ALA B 84 -7.04 -8.86 -5.28
C ALA B 84 -6.74 -8.79 -6.79
N ASP B 85 -7.20 -7.74 -7.49
CA ASP B 85 -6.91 -7.56 -8.92
C ASP B 85 -5.42 -7.51 -9.15
N PHE B 86 -4.67 -6.77 -8.32
CA PHE B 86 -3.23 -6.68 -8.43
C PHE B 86 -2.56 -8.04 -8.16
N LEU B 87 -3.07 -8.75 -7.13
CA LEU B 87 -2.54 -10.03 -6.66
C LEU B 87 -2.79 -11.16 -7.65
N VAL B 88 -4.00 -11.20 -8.25
CA VAL B 88 -4.40 -12.15 -9.30
C VAL B 88 -3.55 -11.90 -10.56
N ALA B 89 -3.38 -10.63 -10.99
CA ALA B 89 -2.55 -10.30 -12.16
C ALA B 89 -1.07 -10.70 -11.90
N ASP B 90 -0.62 -10.58 -10.63
CA ASP B 90 0.75 -10.98 -10.28
C ASP B 90 0.95 -12.50 -10.28
N PHE B 91 -0.05 -13.25 -9.76
CA PHE B 91 -0.08 -14.72 -9.81
C PHE B 91 -0.04 -15.19 -11.26
N ARG B 92 -0.86 -14.58 -12.10
CA ARG B 92 -0.91 -14.94 -13.52
C ARG B 92 0.41 -14.61 -14.26
N ARG B 93 1.03 -13.48 -13.94
CA ARG B 93 2.35 -13.05 -14.47
C ARG B 93 3.43 -14.12 -14.17
N ARG B 94 3.21 -14.88 -13.08
CA ARG B 94 4.06 -15.96 -12.61
C ARG B 94 3.53 -17.33 -12.95
N GLY B 95 2.52 -17.43 -13.82
CA GLY B 95 1.96 -18.68 -14.31
C GLY B 95 1.26 -19.57 -13.28
N VAL B 96 0.77 -18.95 -12.20
CA VAL B 96 0.12 -19.69 -11.10
C VAL B 96 -1.34 -19.82 -11.38
N ASP B 97 -1.85 -21.07 -11.31
CA ASP B 97 -3.29 -21.37 -11.47
C ASP B 97 -4.02 -20.81 -10.19
N VAL B 98 -5.02 -19.99 -10.41
CA VAL B 98 -5.72 -19.23 -9.38
C VAL B 98 -7.23 -19.64 -9.24
N SER B 99 -7.64 -20.76 -9.87
CA SER B 99 -9.03 -21.27 -9.89
C SER B 99 -9.58 -21.73 -8.54
N GLN B 100 -8.69 -22.17 -7.61
CA GLN B 100 -9.05 -22.66 -6.27
C GLN B 100 -9.08 -21.58 -5.18
N VAL B 101 -8.96 -20.30 -5.55
CA VAL B 101 -9.04 -19.21 -4.59
C VAL B 101 -10.44 -19.16 -3.94
N ALA B 102 -10.47 -19.07 -2.59
CA ALA B 102 -11.72 -18.97 -1.84
C ALA B 102 -12.11 -17.49 -1.76
N TRP B 103 -12.96 -17.04 -2.70
CA TRP B 103 -13.44 -15.65 -2.74
C TRP B 103 -14.41 -15.38 -1.59
N GLN B 104 -14.17 -14.30 -0.86
CA GLN B 104 -14.94 -13.93 0.32
C GLN B 104 -15.83 -12.70 0.08
N SER B 105 -16.98 -12.64 0.77
CA SER B 105 -17.92 -11.51 0.73
C SER B 105 -17.54 -10.42 1.76
N LYS B 106 -16.89 -10.81 2.89
CA LYS B 106 -16.50 -9.90 3.98
C LYS B 106 -15.00 -9.95 4.27
N GLY B 107 -14.45 -8.84 4.78
CA GLY B 107 -13.04 -8.68 5.08
C GLY B 107 -12.23 -8.06 3.94
N ASP B 108 -10.99 -7.67 4.24
CA ASP B 108 -10.08 -7.05 3.26
C ASP B 108 -9.11 -8.09 2.76
N THR B 109 -8.69 -8.00 1.48
CA THR B 109 -7.61 -8.83 0.93
C THR B 109 -6.37 -8.30 1.65
N PRO B 110 -5.52 -9.17 2.26
CA PRO B 110 -4.40 -8.69 3.07
C PRO B 110 -3.37 -7.84 2.34
N SER B 111 -2.91 -6.80 3.04
CA SER B 111 -1.91 -5.84 2.59
C SER B 111 -1.05 -5.46 3.79
N SER B 112 0.28 -5.41 3.61
CA SER B 112 1.24 -5.03 4.65
C SER B 112 2.05 -3.86 4.14
N CYS B 113 2.61 -3.10 5.06
CA CYS B 113 3.36 -1.91 4.74
C CYS B 113 4.71 -1.97 5.45
N CYS B 114 5.79 -2.06 4.67
CA CYS B 114 7.14 -2.11 5.20
C CYS B 114 7.93 -0.85 4.95
N ILE B 115 8.46 -0.26 6.04
CA ILE B 115 9.31 0.93 5.93
C ILE B 115 10.72 0.45 6.24
N ILE B 116 11.62 0.51 5.26
CA ILE B 116 13.02 0.12 5.41
C ILE B 116 13.86 1.40 5.50
N ASN B 117 14.54 1.61 6.63
CA ASN B 117 15.37 2.79 6.85
C ASN B 117 16.75 2.48 6.24
N ASN B 118 17.15 3.21 5.19
CA ASN B 118 18.40 3.00 4.48
C ASN B 118 19.68 3.35 5.28
N SER B 119 19.56 4.22 6.31
CA SER B 119 20.71 4.64 7.12
C SER B 119 21.20 3.56 8.10
N ASN B 120 20.41 2.50 8.35
CA ASN B 120 20.77 1.43 9.29
C ASN B 120 20.24 0.05 8.93
N GLY B 121 19.39 -0.04 7.91
CA GLY B 121 18.80 -1.30 7.45
C GLY B 121 17.60 -1.79 8.24
N ASN B 122 17.16 -1.01 9.28
CA ASN B 122 16.00 -1.33 10.14
C ASN B 122 14.69 -1.36 9.34
N ARG B 123 13.85 -2.38 9.60
CA ARG B 123 12.54 -2.58 8.97
C ARG B 123 11.40 -2.40 9.99
N THR B 124 10.42 -1.52 9.68
CA THR B 124 9.22 -1.32 10.52
C THR B 124 8.04 -1.83 9.69
N ILE B 125 7.33 -2.83 10.24
CA ILE B 125 6.24 -3.48 9.51
C ILE B 125 4.89 -3.23 10.15
N VAL B 126 3.93 -2.81 9.32
CA VAL B 126 2.53 -2.67 9.68
C VAL B 126 1.85 -3.84 8.96
N LEU B 127 1.63 -4.92 9.71
CA LEU B 127 1.03 -6.18 9.29
C LEU B 127 -0.42 -6.02 8.90
N HIS B 128 -0.87 -6.86 7.96
CA HIS B 128 -2.25 -6.88 7.49
C HIS B 128 -3.19 -7.12 8.65
N ASP B 129 -4.44 -6.70 8.50
CA ASP B 129 -5.44 -6.93 9.53
C ASP B 129 -5.95 -8.39 9.39
N THR B 130 -6.78 -8.80 10.31
CA THR B 130 -7.29 -10.17 10.40
C THR B 130 -8.78 -10.30 9.97
N SER B 131 -9.30 -9.31 9.26
CA SER B 131 -10.70 -9.28 8.82
C SER B 131 -11.07 -10.42 7.83
N LEU B 132 -10.14 -10.84 6.97
CA LEU B 132 -10.46 -11.85 5.98
C LEU B 132 -10.58 -13.25 6.58
N PRO B 133 -11.69 -13.98 6.37
CA PRO B 133 -11.77 -15.34 6.91
C PRO B 133 -10.80 -16.29 6.18
N ASP B 134 -10.18 -17.22 6.92
CA ASP B 134 -9.29 -18.20 6.32
C ASP B 134 -10.07 -19.24 5.51
N VAL B 135 -9.36 -20.07 4.72
CA VAL B 135 -9.94 -21.16 3.95
C VAL B 135 -10.41 -22.18 5.02
N SER B 136 -11.65 -22.61 4.95
CA SER B 136 -12.18 -23.54 5.92
C SER B 136 -12.16 -24.96 5.37
N ALA B 137 -12.36 -25.94 6.24
CA ALA B 137 -12.47 -27.35 5.92
C ALA B 137 -13.67 -27.57 4.95
N THR B 138 -14.80 -26.84 5.11
CA THR B 138 -15.96 -26.95 4.21
C THR B 138 -15.61 -26.39 2.84
N ASP B 139 -14.81 -25.29 2.73
CA ASP B 139 -14.33 -24.76 1.43
C ASP B 139 -13.46 -25.85 0.74
N PHE B 140 -12.54 -26.50 1.49
CA PHE B 140 -11.64 -27.55 1.01
C PHE B 140 -12.35 -28.85 0.58
N GLU B 141 -13.51 -29.19 1.21
CA GLU B 141 -14.39 -30.35 0.94
C GLU B 141 -14.94 -30.32 -0.47
N LYS B 142 -15.08 -29.10 -1.02
CA LYS B 142 -15.63 -28.79 -2.33
C LYS B 142 -14.57 -28.82 -3.45
N VAL B 143 -13.33 -29.17 -3.13
CA VAL B 143 -12.24 -29.21 -4.09
C VAL B 143 -12.00 -30.64 -4.60
N ASP B 144 -12.04 -30.81 -5.95
CA ASP B 144 -11.68 -32.08 -6.58
C ASP B 144 -10.13 -32.15 -6.49
N LEU B 145 -9.63 -33.14 -5.77
CA LEU B 145 -8.21 -33.37 -5.50
C LEU B 145 -7.45 -34.11 -6.58
N THR B 146 -8.13 -34.75 -7.54
CA THR B 146 -7.52 -35.60 -8.57
C THR B 146 -6.44 -34.91 -9.39
N GLN B 147 -6.55 -33.59 -9.66
CA GLN B 147 -5.53 -32.87 -10.45
C GLN B 147 -4.20 -32.61 -9.68
N PHE B 148 -4.16 -32.86 -8.35
CA PHE B 148 -2.97 -32.63 -7.56
C PHE B 148 -2.16 -33.87 -7.28
N LYS B 149 -0.83 -33.77 -7.46
CA LYS B 149 0.13 -34.84 -7.09
C LYS B 149 0.74 -34.53 -5.70
N TRP B 150 0.72 -33.24 -5.30
CA TRP B 150 1.32 -32.75 -4.06
C TRP B 150 0.47 -31.59 -3.53
N ILE B 151 0.22 -31.58 -2.21
CA ILE B 151 -0.54 -30.53 -1.51
C ILE B 151 0.28 -30.05 -0.35
N HIS B 152 0.69 -28.78 -0.43
CA HIS B 152 1.47 -28.10 0.61
C HIS B 152 0.55 -27.15 1.37
N ILE B 153 0.52 -27.28 2.68
CA ILE B 153 -0.32 -26.44 3.51
C ILE B 153 0.55 -25.59 4.45
N GLU B 154 0.41 -24.27 4.36
CA GLU B 154 1.07 -23.32 5.26
C GLU B 154 0.16 -23.25 6.49
N GLY B 155 0.67 -23.67 7.64
CA GLY B 155 -0.06 -23.64 8.90
C GLY B 155 -0.56 -22.28 9.33
N ARG B 156 -1.87 -22.15 9.52
CA ARG B 156 -2.56 -20.89 9.88
C ARG B 156 -3.68 -21.24 10.85
N ASN B 157 -4.86 -21.63 10.34
CA ASN B 157 -6.05 -22.02 11.10
C ASN B 157 -6.02 -23.54 11.27
N ALA B 158 -5.19 -23.99 12.22
CA ALA B 158 -4.79 -25.37 12.49
C ALA B 158 -5.92 -26.38 12.66
N SER B 159 -6.95 -26.10 13.46
CA SER B 159 -8.06 -27.05 13.67
C SER B 159 -8.86 -27.33 12.36
N GLU B 160 -8.95 -26.33 11.46
CA GLU B 160 -9.61 -26.50 10.17
C GLU B 160 -8.70 -27.26 9.22
N GLN B 161 -7.39 -26.96 9.27
CA GLN B 161 -6.39 -27.55 8.40
C GLN B 161 -6.18 -29.05 8.68
N VAL B 162 -6.31 -29.47 9.94
CA VAL B 162 -6.27 -30.87 10.36
C VAL B 162 -7.38 -31.67 9.61
N LYS B 163 -8.57 -31.10 9.52
CA LYS B 163 -9.71 -31.69 8.81
C LYS B 163 -9.42 -31.82 7.30
N MET B 164 -8.75 -30.80 6.69
CA MET B 164 -8.32 -30.81 5.30
C MET B 164 -7.32 -31.97 5.10
N LEU B 165 -6.36 -32.12 6.04
CA LEU B 165 -5.34 -33.14 6.04
C LEU B 165 -5.93 -34.55 6.20
N GLN B 166 -6.98 -34.69 7.03
CA GLN B 166 -7.73 -35.94 7.22
C GLN B 166 -8.51 -36.30 5.93
N ARG B 167 -9.01 -35.29 5.20
CA ARG B 167 -9.68 -35.50 3.90
C ARG B 167 -8.73 -36.10 2.83
N ILE B 168 -7.48 -35.59 2.76
CA ILE B 168 -6.44 -36.09 1.84
C ILE B 168 -6.06 -37.54 2.18
N ASP B 169 -5.85 -37.87 3.48
CA ASP B 169 -5.57 -39.25 3.91
C ASP B 169 -6.67 -40.21 3.49
N ALA B 170 -7.93 -39.77 3.65
CA ALA B 170 -9.13 -40.54 3.29
C ALA B 170 -9.16 -40.78 1.78
N HIS B 171 -8.82 -39.73 0.99
CA HIS B 171 -8.71 -39.82 -0.48
C HIS B 171 -7.65 -40.90 -0.86
N ASN B 172 -6.45 -40.78 -0.28
CA ASN B 172 -5.29 -41.64 -0.50
C ASN B 172 -5.52 -43.10 -0.15
N THR B 173 -6.33 -43.37 0.89
CA THR B 173 -6.73 -44.72 1.31
C THR B 173 -7.36 -45.50 0.13
N ARG B 174 -8.09 -44.83 -0.76
CA ARG B 174 -8.69 -45.54 -1.88
C ARG B 174 -7.84 -45.43 -3.17
N GLN B 175 -6.64 -44.88 -3.10
CA GLN B 175 -5.80 -44.77 -4.29
C GLN B 175 -4.69 -45.80 -4.33
N PRO B 176 -4.34 -46.35 -5.53
CA PRO B 176 -3.11 -47.18 -5.62
C PRO B 176 -1.89 -46.30 -5.28
N PRO B 177 -0.71 -46.87 -4.90
CA PRO B 177 0.43 -46.02 -4.49
C PRO B 177 0.90 -44.93 -5.46
N GLU B 178 0.65 -45.10 -6.77
CA GLU B 178 1.05 -44.15 -7.82
C GLU B 178 0.05 -42.99 -8.02
N GLN B 179 -1.16 -43.11 -7.45
CA GLN B 179 -2.17 -42.06 -7.53
C GLN B 179 -2.33 -41.39 -6.16
N LYS B 180 -1.43 -41.69 -5.24
CA LYS B 180 -1.46 -41.13 -3.89
C LYS B 180 -0.88 -39.71 -3.87
N ILE B 181 -1.63 -38.77 -3.28
CA ILE B 181 -1.22 -37.38 -3.16
C ILE B 181 -0.20 -37.20 -2.03
N ARG B 182 0.99 -36.64 -2.35
CA ARG B 182 2.00 -36.35 -1.34
C ARG B 182 1.62 -35.07 -0.61
N VAL B 183 1.93 -35.01 0.69
CA VAL B 183 1.53 -33.90 1.54
C VAL B 183 2.68 -33.29 2.33
N SER B 184 2.74 -31.96 2.34
CA SER B 184 3.70 -31.25 3.15
C SER B 184 2.99 -30.20 3.98
N VAL B 185 3.56 -29.89 5.13
CA VAL B 185 3.01 -28.92 6.06
C VAL B 185 4.18 -28.00 6.49
N GLU B 186 3.91 -26.70 6.67
CA GLU B 186 4.90 -25.78 7.17
C GLU B 186 4.39 -25.20 8.48
N VAL B 187 5.20 -25.27 9.53
CA VAL B 187 4.91 -24.69 10.84
C VAL B 187 5.95 -23.57 10.96
N GLU B 188 5.56 -22.37 10.54
CA GLU B 188 6.45 -21.21 10.44
C GLU B 188 6.26 -20.17 11.54
N LYS B 189 5.03 -20.03 12.04
CA LYS B 189 4.75 -19.09 13.13
C LYS B 189 4.81 -19.76 14.51
N PRO B 190 5.44 -19.08 15.52
CA PRO B 190 5.51 -19.70 16.85
C PRO B 190 4.20 -19.55 17.64
N ARG B 191 3.16 -20.28 17.19
CA ARG B 191 1.82 -20.30 17.78
C ARG B 191 1.49 -21.74 18.13
N GLU B 192 1.23 -21.99 19.42
CA GLU B 192 0.90 -23.30 20.04
C GLU B 192 -0.11 -24.16 19.26
N GLU B 193 -1.19 -23.52 18.75
CA GLU B 193 -2.26 -24.16 17.94
C GLU B 193 -1.71 -24.90 16.71
N LEU B 194 -0.63 -24.38 16.14
CA LEU B 194 -0.03 -24.99 14.96
C LEU B 194 0.72 -26.27 15.23
N PHE B 195 1.21 -26.50 16.47
CA PHE B 195 2.06 -27.65 16.77
C PHE B 195 1.35 -28.98 16.58
N GLN B 196 0.00 -28.98 16.53
CA GLN B 196 -0.77 -30.21 16.25
C GLN B 196 -0.52 -30.69 14.80
N LEU B 197 -0.19 -29.75 13.89
CA LEU B 197 0.09 -30.01 12.48
C LEU B 197 1.33 -30.84 12.24
N PHE B 198 2.26 -30.91 13.24
CA PHE B 198 3.48 -31.74 13.17
C PHE B 198 3.15 -33.21 12.89
N GLY B 199 1.98 -33.66 13.39
CA GLY B 199 1.50 -35.04 13.23
C GLY B 199 0.87 -35.38 11.90
N TYR B 200 0.91 -34.45 10.93
CA TYR B 200 0.34 -34.64 9.59
C TYR B 200 1.37 -34.38 8.51
N GLY B 201 1.19 -35.03 7.36
CA GLY B 201 2.05 -34.87 6.20
C GLY B 201 3.21 -35.83 6.12
N ASP B 202 3.72 -36.01 4.91
CA ASP B 202 4.87 -36.85 4.59
C ASP B 202 6.15 -36.06 4.88
N VAL B 203 6.07 -34.73 4.69
CA VAL B 203 7.15 -33.78 4.86
C VAL B 203 6.64 -32.65 5.74
N VAL B 204 7.34 -32.38 6.84
CA VAL B 204 7.01 -31.32 7.79
C VAL B 204 8.18 -30.34 7.83
N PHE B 205 7.93 -29.08 7.50
CA PHE B 205 8.91 -28.01 7.59
C PHE B 205 8.66 -27.23 8.88
N VAL B 206 9.70 -27.08 9.68
CA VAL B 206 9.62 -26.29 10.91
C VAL B 206 10.64 -25.13 10.75
N SER B 207 10.20 -23.91 11.03
CA SER B 207 11.11 -22.78 10.87
C SER B 207 12.07 -22.65 12.07
N LYS B 208 13.21 -21.96 11.84
CA LYS B 208 14.23 -21.58 12.82
C LYS B 208 13.56 -20.73 13.94
N ASP B 209 12.69 -19.80 13.55
CA ASP B 209 11.93 -18.96 14.50
C ASP B 209 11.02 -19.81 15.43
N VAL B 210 10.32 -20.84 14.91
CA VAL B 210 9.50 -21.75 15.73
C VAL B 210 10.42 -22.54 16.66
N ALA B 211 11.55 -23.07 16.13
CA ALA B 211 12.55 -23.85 16.86
C ALA B 211 13.12 -23.07 18.03
N LYS B 212 13.55 -21.81 17.78
CA LYS B 212 14.13 -20.92 18.79
C LYS B 212 13.12 -20.63 19.90
N HIS B 213 11.84 -20.43 19.53
CA HIS B 213 10.76 -20.19 20.49
C HIS B 213 10.50 -21.39 21.41
N LEU B 214 10.84 -22.61 20.93
CA LEU B 214 10.71 -23.84 21.72
C LEU B 214 12.01 -24.15 22.50
N GLY B 215 12.96 -23.22 22.43
CA GLY B 215 14.24 -23.30 23.14
C GLY B 215 15.34 -24.11 22.48
N PHE B 216 15.17 -24.47 21.18
CA PHE B 216 16.17 -25.21 20.42
C PHE B 216 17.19 -24.22 19.85
N GLN B 217 18.49 -24.51 20.03
CA GLN B 217 19.59 -23.62 19.62
C GLN B 217 20.23 -23.96 18.27
N SER B 218 19.75 -25.03 17.60
CA SER B 218 20.23 -25.47 16.27
C SER B 218 19.18 -26.32 15.56
N ALA B 219 19.34 -26.52 14.24
CA ALA B 219 18.45 -27.36 13.41
C ALA B 219 18.49 -28.82 13.90
N GLU B 220 19.70 -29.31 14.35
CA GLU B 220 19.89 -30.64 14.88
C GLU B 220 19.04 -30.86 16.16
N GLU B 221 19.15 -29.92 17.10
CA GLU B 221 18.40 -29.96 18.34
C GLU B 221 16.90 -29.92 18.05
N ALA B 222 16.51 -29.08 17.11
CA ALA B 222 15.13 -28.92 16.70
C ALA B 222 14.55 -30.24 16.11
N LEU B 223 15.26 -30.87 15.16
CA LEU B 223 14.83 -32.14 14.55
C LEU B 223 14.79 -33.32 15.52
N ARG B 224 15.81 -33.45 16.37
CA ARG B 224 15.85 -34.52 17.37
C ARG B 224 14.77 -34.34 18.45
N GLY B 225 14.51 -33.09 18.82
CA GLY B 225 13.54 -32.75 19.84
C GLY B 225 12.11 -32.87 19.37
N LEU B 226 11.85 -32.62 18.08
CA LEU B 226 10.49 -32.65 17.55
C LEU B 226 10.13 -33.89 16.73
N TYR B 227 11.11 -34.79 16.39
CA TYR B 227 10.80 -35.97 15.57
C TYR B 227 9.72 -36.89 16.17
N GLY B 228 9.64 -36.99 17.51
CA GLY B 228 8.61 -37.77 18.18
C GLY B 228 7.19 -37.29 17.92
N ARG B 229 7.02 -36.04 17.42
CA ARG B 229 5.73 -35.40 17.12
C ARG B 229 5.20 -35.66 15.69
N VAL B 230 6.03 -36.19 14.78
CA VAL B 230 5.61 -36.43 13.40
C VAL B 230 5.00 -37.82 13.22
N ARG B 231 4.18 -38.00 12.16
CA ARG B 231 3.56 -39.29 11.86
C ARG B 231 4.59 -40.29 11.33
N LYS B 232 4.33 -41.61 11.52
CA LYS B 232 5.21 -42.70 11.10
C LYS B 232 5.57 -42.58 9.62
N GLY B 233 6.86 -42.50 9.35
CA GLY B 233 7.43 -42.41 8.01
C GLY B 233 7.75 -41.03 7.51
N ALA B 234 7.31 -39.99 8.25
CA ALA B 234 7.45 -38.60 7.82
C ALA B 234 8.88 -38.10 7.89
N VAL B 235 9.17 -37.07 7.11
CA VAL B 235 10.47 -36.41 7.07
C VAL B 235 10.28 -35.02 7.69
N LEU B 236 11.05 -34.71 8.74
CA LEU B 236 11.04 -33.40 9.41
C LEU B 236 12.23 -32.59 8.84
N VAL B 237 11.97 -31.37 8.35
CA VAL B 237 12.93 -30.50 7.71
C VAL B 237 13.07 -29.18 8.48
N CYS B 238 14.32 -28.72 8.71
CA CYS B 238 14.59 -27.46 9.40
C CYS B 238 15.79 -26.73 8.79
N ALA B 239 15.49 -25.61 8.13
CA ALA B 239 16.46 -24.68 7.54
C ALA B 239 16.87 -23.68 8.63
N TRP B 240 18.17 -23.37 8.71
CA TRP B 240 18.73 -22.45 9.70
C TRP B 240 19.52 -21.34 8.98
N ALA B 241 18.86 -20.69 8.01
CA ALA B 241 19.40 -19.58 7.21
C ALA B 241 20.80 -19.89 6.63
N GLU B 242 21.83 -19.05 6.88
CA GLU B 242 23.15 -19.30 6.31
C GLU B 242 23.93 -20.45 7.00
N GLU B 243 23.28 -21.17 7.97
CA GLU B 243 23.89 -22.37 8.55
C GLU B 243 23.41 -23.62 7.77
N GLY B 244 22.63 -23.39 6.71
CA GLY B 244 22.13 -24.45 5.85
C GLY B 244 20.87 -25.08 6.39
N ALA B 245 20.65 -26.35 6.02
CA ALA B 245 19.42 -27.04 6.42
C ALA B 245 19.65 -28.48 6.77
N ASP B 246 18.74 -29.01 7.61
CA ASP B 246 18.75 -30.40 8.05
C ASP B 246 17.41 -31.06 7.77
N ALA B 247 17.42 -32.39 7.61
CA ALA B 247 16.23 -33.23 7.46
C ALA B 247 16.45 -34.51 8.26
N LEU B 248 15.38 -35.05 8.81
CA LEU B 248 15.40 -36.25 9.60
C LEU B 248 14.16 -37.09 9.21
N GLY B 249 14.42 -38.31 8.73
CA GLY B 249 13.40 -39.26 8.34
C GLY B 249 13.29 -40.46 9.27
N PRO B 250 12.45 -41.46 8.89
CA PRO B 250 12.27 -42.65 9.75
C PRO B 250 13.51 -43.51 10.01
N ASP B 251 14.56 -43.45 9.16
CA ASP B 251 15.77 -44.23 9.37
C ASP B 251 16.66 -43.69 10.51
N GLY B 252 16.27 -42.56 11.11
CA GLY B 252 16.98 -41.93 12.23
C GLY B 252 18.27 -41.22 11.91
N LYS B 253 18.61 -41.12 10.61
CA LYS B 253 19.84 -40.49 10.16
C LYS B 253 19.65 -39.02 9.85
N LEU B 254 20.37 -38.15 10.60
CA LEU B 254 20.32 -36.71 10.39
C LEU B 254 21.05 -36.37 9.11
N LEU B 255 20.36 -35.63 8.22
CA LEU B 255 20.90 -35.20 6.93
C LEU B 255 21.11 -33.72 6.99
N HIS B 256 22.20 -33.27 6.41
CA HIS B 256 22.54 -31.87 6.41
C HIS B 256 23.06 -31.41 5.05
N SER B 257 22.70 -30.17 4.72
CA SER B 257 23.29 -29.47 3.59
C SER B 257 23.78 -28.11 4.08
N ASP B 258 25.00 -27.73 3.72
CA ASP B 258 25.50 -26.37 3.97
C ASP B 258 24.73 -25.41 3.06
N ALA B 259 24.67 -24.12 3.43
CA ALA B 259 24.05 -23.08 2.63
C ALA B 259 25.01 -22.76 1.44
N PHE B 260 24.48 -22.13 0.38
CA PHE B 260 25.25 -21.68 -0.79
C PHE B 260 25.05 -20.16 -0.88
N PRO B 261 25.66 -19.37 0.06
CA PRO B 261 25.49 -17.91 0.05
C PRO B 261 26.01 -17.23 -1.22
N PRO B 262 25.33 -16.17 -1.67
CA PRO B 262 25.80 -15.51 -2.90
C PRO B 262 27.00 -14.61 -2.62
N PRO B 263 27.81 -14.26 -3.67
CA PRO B 263 28.94 -13.34 -3.44
C PRO B 263 28.53 -12.03 -2.76
N ARG B 264 27.33 -11.52 -3.10
CA ARG B 264 26.76 -10.32 -2.51
C ARG B 264 25.30 -10.61 -2.23
N VAL B 265 24.91 -10.55 -0.95
CA VAL B 265 23.50 -10.72 -0.55
C VAL B 265 22.74 -9.40 -0.87
N VAL B 266 21.75 -9.47 -1.78
CA VAL B 266 20.92 -8.38 -2.32
C VAL B 266 19.52 -8.30 -1.68
N ASP B 267 18.86 -9.44 -1.51
CA ASP B 267 17.49 -9.51 -0.99
C ASP B 267 17.13 -10.92 -0.48
N THR B 268 16.93 -11.05 0.82
CA THR B 268 16.61 -12.33 1.47
C THR B 268 15.14 -12.64 1.57
N LEU B 269 14.26 -11.65 1.34
CA LEU B 269 12.82 -11.82 1.49
C LEU B 269 12.26 -12.96 0.62
N GLY B 270 11.68 -13.97 1.27
CA GLY B 270 11.11 -15.15 0.62
C GLY B 270 12.12 -16.23 0.30
N ALA B 271 13.35 -16.19 0.91
CA ALA B 271 14.41 -17.23 0.74
C ALA B 271 13.95 -18.56 1.35
N GLY B 272 13.29 -18.50 2.49
CA GLY B 272 12.71 -19.66 3.17
C GLY B 272 11.64 -20.35 2.34
N ASP B 273 10.75 -19.56 1.72
CA ASP B 273 9.70 -20.07 0.80
C ASP B 273 10.30 -20.68 -0.45
N THR B 274 11.44 -20.13 -0.90
CA THR B 274 12.22 -20.61 -2.06
C THR B 274 12.76 -21.99 -1.75
N PHE B 275 13.28 -22.15 -0.52
CA PHE B 275 13.78 -23.42 0.00
C PHE B 275 12.65 -24.46 0.02
N ASN B 276 11.50 -24.13 0.63
CA ASN B 276 10.36 -25.06 0.75
C ASN B 276 9.87 -25.55 -0.60
N ALA B 277 9.64 -24.60 -1.56
CA ALA B 277 9.21 -24.89 -2.91
C ALA B 277 10.22 -25.79 -3.64
N SER B 278 11.52 -25.52 -3.48
CA SER B 278 12.60 -26.28 -4.11
C SER B 278 12.72 -27.71 -3.55
N VAL B 279 12.61 -27.86 -2.22
CA VAL B 279 12.59 -29.18 -1.56
C VAL B 279 11.40 -30.01 -2.09
N ILE B 280 10.19 -29.42 -2.07
CA ILE B 280 8.95 -30.05 -2.57
C ILE B 280 9.12 -30.46 -4.05
N PHE B 281 9.67 -29.53 -4.88
CA PHE B 281 9.88 -29.76 -6.29
C PHE B 281 10.78 -30.98 -6.52
N SER B 282 11.94 -30.97 -5.90
CA SER B 282 12.95 -32.04 -5.94
C SER B 282 12.37 -33.40 -5.47
N LEU B 283 11.65 -33.41 -4.32
CA LEU B 283 10.98 -34.64 -3.86
C LEU B 283 9.90 -35.13 -4.84
N SER B 284 9.09 -34.20 -5.43
CA SER B 284 8.05 -34.57 -6.41
C SER B 284 8.63 -35.18 -7.70
N GLN B 285 9.90 -34.88 -8.01
CA GLN B 285 10.65 -35.38 -9.17
C GLN B 285 11.32 -36.75 -8.89
N GLY B 286 11.09 -37.32 -7.71
CA GLY B 286 11.65 -38.61 -7.32
C GLY B 286 13.06 -38.59 -6.77
N ARG B 287 13.59 -37.41 -6.44
CA ARG B 287 14.95 -37.30 -5.89
C ARG B 287 15.01 -37.67 -4.38
N SER B 288 16.19 -38.04 -3.87
CA SER B 288 16.32 -38.38 -2.45
C SER B 288 16.15 -37.14 -1.56
N VAL B 289 15.95 -37.36 -0.25
CA VAL B 289 15.85 -36.32 0.77
C VAL B 289 17.15 -35.48 0.76
N GLN B 290 18.33 -36.15 0.69
CA GLN B 290 19.63 -35.47 0.67
C GLN B 290 19.72 -34.55 -0.53
N GLU B 291 19.38 -35.05 -1.73
CA GLU B 291 19.35 -34.29 -2.99
C GLU B 291 18.41 -33.06 -2.89
N ALA B 292 17.19 -33.24 -2.34
CA ALA B 292 16.16 -32.16 -2.19
C ALA B 292 16.62 -31.07 -1.22
N LEU B 293 17.29 -31.48 -0.14
CA LEU B 293 17.88 -30.59 0.87
C LEU B 293 18.93 -29.66 0.24
N ARG B 294 19.82 -30.25 -0.56
CA ARG B 294 20.94 -29.57 -1.24
C ARG B 294 20.40 -28.62 -2.29
N PHE B 295 19.47 -29.11 -3.12
CA PHE B 295 18.77 -28.32 -4.12
C PHE B 295 18.05 -27.12 -3.47
N GLY B 296 17.30 -27.36 -2.38
CA GLY B 296 16.63 -26.31 -1.63
C GLY B 296 17.58 -25.22 -1.17
N CYS B 297 18.75 -25.61 -0.60
CA CYS B 297 19.82 -24.68 -0.15
C CYS B 297 20.43 -23.87 -1.33
N GLN B 298 20.66 -24.53 -2.47
CA GLN B 298 21.22 -23.90 -3.67
C GLN B 298 20.30 -22.81 -4.22
N VAL B 299 19.01 -23.13 -4.42
CA VAL B 299 18.05 -22.19 -4.99
C VAL B 299 17.77 -21.03 -4.01
N ALA B 300 17.64 -21.32 -2.69
CA ALA B 300 17.44 -20.27 -1.69
C ALA B 300 18.66 -19.32 -1.69
N GLY B 301 19.85 -19.88 -1.83
CA GLY B 301 21.10 -19.13 -1.87
C GLY B 301 21.23 -18.24 -3.08
N LYS B 302 20.83 -18.74 -4.25
CA LYS B 302 20.82 -18.00 -5.51
C LYS B 302 19.83 -16.84 -5.40
N LYS B 303 18.65 -17.09 -4.82
CA LYS B 303 17.62 -16.07 -4.62
C LYS B 303 18.16 -14.88 -3.81
N CYS B 304 18.95 -15.15 -2.75
CA CYS B 304 19.52 -14.13 -1.86
C CYS B 304 20.42 -13.10 -2.58
N GLY B 305 20.96 -13.47 -3.74
CA GLY B 305 21.78 -12.58 -4.56
C GLY B 305 21.01 -11.85 -5.65
N LEU B 306 19.67 -11.98 -5.61
CA LEU B 306 18.71 -11.47 -6.60
C LEU B 306 17.63 -10.59 -5.97
N GLN B 307 17.17 -9.58 -6.71
CA GLN B 307 16.02 -8.79 -6.22
C GLN B 307 14.77 -9.54 -6.76
N GLY B 308 13.94 -10.04 -5.83
CA GLY B 308 12.78 -10.84 -6.18
C GLY B 308 13.15 -12.25 -6.61
N PHE B 309 12.33 -12.83 -7.51
CA PHE B 309 12.47 -14.22 -7.93
C PHE B 309 12.99 -14.39 -9.37
N ASP B 310 13.08 -13.32 -10.16
CA ASP B 310 13.64 -13.36 -11.53
C ASP B 310 15.08 -13.83 -11.54
N GLY B 311 15.33 -14.85 -12.35
CA GLY B 311 16.65 -15.44 -12.53
C GLY B 311 17.10 -16.44 -11.48
N ILE B 312 16.15 -17.05 -10.71
CA ILE B 312 16.54 -18.07 -9.70
C ILE B 312 16.90 -19.42 -10.34
N VAL B 313 16.39 -19.67 -11.56
CA VAL B 313 16.61 -20.89 -12.34
C VAL B 313 17.42 -20.51 -13.58
#